data_5D43
#
_entry.id   5D43
#
_cell.length_a   49.750
_cell.length_b   72.061
_cell.length_c   62.248
_cell.angle_alpha   90.00
_cell.angle_beta   97.26
_cell.angle_gamma   90.00
#
_symmetry.space_group_name_H-M   'P 1 21 1'
#
loop_
_entity.id
_entity.type
_entity.pdbx_description
1 polymer Centrin-1
2 non-polymer 'CALCIUM ION'
3 water water
#
_entity_poly.entity_id   1
_entity_poly.type   'polypeptide(L)'
_entity_poly.pdbx_seq_one_letter_code
;MASTFRKSNVASTSYKRKVGPKPELTEDQKQEVREAFDLFDSDGSGTIDVKELKVAMRALGFEPRKEEMKKMISEVDKEA
TGKISFNDFLAVMTQKMAEKDTKEEILKAFRLFDDDETGKISFKNLKRVANELGESLTDEELQEMIDEADRDGDGEVNEE
EFLKIMKKTNLYHHHHHH
;
_entity_poly.pdbx_strand_id   A,B
#
loop_
_chem_comp.id
_chem_comp.type
_chem_comp.name
_chem_comp.formula
CA non-polymer 'CALCIUM ION' 'Ca 2'
#
# COMPACT_ATOMS: atom_id res chain seq x y z
N LEU A 25 25.69 14.58 -2.55
CA LEU A 25 26.97 14.08 -3.13
C LEU A 25 27.48 12.82 -2.44
N THR A 26 27.91 11.86 -3.26
CA THR A 26 28.56 10.64 -2.78
C THR A 26 30.07 10.90 -2.63
N GLU A 27 30.78 10.00 -1.93
CA GLU A 27 32.19 10.25 -1.56
C GLU A 27 33.20 9.36 -2.31
N ASP A 28 33.52 8.20 -1.72
CA ASP A 28 34.44 7.22 -2.32
C ASP A 28 33.69 6.23 -3.21
N GLN A 29 32.36 6.23 -3.07
CA GLN A 29 31.46 5.30 -3.77
C GLN A 29 31.33 5.56 -5.28
N LYS A 30 31.63 6.79 -5.71
CA LYS A 30 31.58 7.14 -7.14
C LYS A 30 32.64 6.44 -8.01
N GLN A 31 33.71 5.97 -7.36
CA GLN A 31 34.70 5.11 -8.00
C GLN A 31 34.10 3.72 -8.30
N GLU A 32 33.25 3.24 -7.39
CA GLU A 32 32.50 1.99 -7.57
C GLU A 32 31.37 2.16 -8.61
N VAL A 33 30.78 3.35 -8.65
CA VAL A 33 29.73 3.71 -9.64
C VAL A 33 30.32 3.73 -11.07
N ARG A 34 31.55 4.25 -11.18
CA ARG A 34 32.33 4.26 -12.43
C ARG A 34 32.64 2.85 -12.94
N GLU A 35 33.04 1.97 -12.00
CA GLU A 35 33.36 0.57 -12.30
C GLU A 35 32.15 -0.23 -12.82
N ALA A 36 30.98 0.06 -12.23
CA ALA A 36 29.71 -0.55 -12.65
C ALA A 36 29.23 -0.05 -14.01
N PHE A 37 29.54 1.20 -14.32
CA PHE A 37 29.16 1.83 -15.60
C PHE A 37 29.96 1.23 -16.77
N ASP A 38 31.28 1.20 -16.62
CA ASP A 38 32.22 0.70 -17.64
C ASP A 38 31.99 -0.78 -17.98
N LEU A 39 31.62 -1.56 -16.97
CA LEU A 39 31.42 -3.01 -17.09
C LEU A 39 30.18 -3.37 -17.92
N PHE A 40 29.08 -2.65 -17.69
CA PHE A 40 27.82 -2.88 -18.40
C PHE A 40 27.68 -2.01 -19.67
N ASP A 41 28.73 -1.27 -19.98
CA ASP A 41 28.87 -0.58 -21.27
C ASP A 41 29.76 -1.44 -22.16
N SER A 42 29.10 -2.33 -22.90
CA SER A 42 29.75 -3.32 -23.77
C SER A 42 30.58 -2.68 -24.89
N ASP A 43 29.99 -1.64 -25.51
CA ASP A 43 30.60 -0.91 -26.62
C ASP A 43 31.80 -0.06 -26.19
N GLY A 44 31.79 0.37 -24.93
CA GLY A 44 32.74 1.37 -24.43
C GLY A 44 32.41 2.76 -24.97
N SER A 45 31.15 2.93 -25.35
CA SER A 45 30.65 4.16 -25.98
C SER A 45 30.46 5.31 -24.99
N GLY A 46 30.39 4.99 -23.70
CA GLY A 46 30.14 5.99 -22.66
C GLY A 46 28.65 6.25 -22.45
N THR A 47 27.82 5.36 -23.01
CA THR A 47 26.37 5.42 -22.88
C THR A 47 25.80 4.03 -22.62
N ILE A 48 24.78 3.96 -21.76
CA ILE A 48 24.07 2.71 -21.45
C ILE A 48 22.58 2.79 -21.81
N ASP A 49 21.94 1.64 -21.95
CA ASP A 49 20.53 1.52 -22.30
C ASP A 49 19.66 1.49 -21.03
N VAL A 50 18.34 1.53 -21.23
CA VAL A 50 17.35 1.34 -20.15
C VAL A 50 17.50 -0.07 -19.55
N LYS A 51 17.69 -1.07 -20.42
CA LYS A 51 17.93 -2.46 -20.03
C LYS A 51 19.29 -2.69 -19.34
N GLU A 52 20.28 -1.86 -19.71
CA GLU A 52 21.61 -1.92 -19.10
C GLU A 52 21.66 -1.14 -17.78
N LEU A 53 20.73 -0.19 -17.62
CA LEU A 53 20.62 0.63 -16.40
C LEU A 53 20.18 -0.20 -15.20
N LYS A 54 19.16 -1.04 -15.40
CA LYS A 54 18.53 -1.86 -14.34
C LYS A 54 19.44 -2.95 -13.80
N VAL A 55 20.30 -3.50 -14.65
CA VAL A 55 21.27 -4.53 -14.22
C VAL A 55 22.48 -3.91 -13.51
N ALA A 56 22.86 -2.70 -13.91
CA ALA A 56 23.94 -1.95 -13.27
C ALA A 56 23.57 -1.45 -11.87
N MET A 57 22.27 -1.15 -11.67
CA MET A 57 21.71 -0.84 -10.35
C MET A 57 21.65 -2.08 -9.46
N ARG A 58 21.28 -3.21 -10.08
CA ARG A 58 21.24 -4.53 -9.44
C ARG A 58 22.63 -4.99 -8.98
N ALA A 59 23.66 -4.65 -9.75
CA ALA A 59 25.07 -4.95 -9.43
C ALA A 59 25.56 -4.14 -8.23
N LEU A 60 25.08 -2.89 -8.11
CA LEU A 60 25.40 -2.01 -6.98
C LEU A 60 24.45 -2.18 -5.77
N GLY A 61 23.71 -3.29 -5.77
CA GLY A 61 22.84 -3.67 -4.64
C GLY A 61 21.50 -2.96 -4.54
N PHE A 62 20.96 -2.54 -5.68
CA PHE A 62 19.69 -1.82 -5.71
C PHE A 62 18.65 -2.46 -6.63
N GLU A 63 17.52 -2.84 -6.02
CA GLU A 63 16.39 -3.39 -6.74
C GLU A 63 15.53 -2.23 -7.26
N PRO A 64 15.55 -1.99 -8.60
CA PRO A 64 14.84 -0.83 -9.15
C PRO A 64 13.33 -1.04 -9.14
N ARG A 65 12.62 -0.14 -8.48
CA ARG A 65 11.15 -0.18 -8.43
C ARG A 65 10.57 0.31 -9.76
N LYS A 66 9.58 -0.43 -10.27
CA LYS A 66 8.97 -0.18 -11.60
C LYS A 66 8.28 1.19 -11.70
N GLU A 67 7.58 1.58 -10.64
CA GLU A 67 6.93 2.89 -10.56
C GLU A 67 7.96 4.01 -10.46
N GLU A 68 9.03 3.77 -9.69
CA GLU A 68 10.15 4.71 -9.52
C GLU A 68 10.99 4.88 -10.79
N MET A 69 11.01 3.84 -11.62
CA MET A 69 11.84 3.79 -12.84
C MET A 69 11.38 4.74 -13.95
N LYS A 70 10.07 4.77 -14.19
CA LYS A 70 9.47 5.60 -15.27
C LYS A 70 9.72 7.10 -15.11
N LYS A 71 9.68 7.57 -13.86
CA LYS A 71 10.02 8.97 -13.54
C LYS A 71 11.52 9.24 -13.72
N MET A 72 12.35 8.24 -13.36
CA MET A 72 13.81 8.33 -13.50
C MET A 72 14.28 8.47 -14.94
N ILE A 73 13.71 7.64 -15.83
CA ILE A 73 14.01 7.65 -17.28
C ILE A 73 13.70 9.03 -17.91
N SER A 74 12.55 9.60 -17.57
CA SER A 74 12.11 10.92 -18.05
C SER A 74 12.98 12.07 -17.52
N GLU A 75 13.47 11.92 -16.29
CA GLU A 75 14.27 12.93 -15.60
C GLU A 75 15.69 13.05 -16.14
N VAL A 76 16.28 11.92 -16.57
CA VAL A 76 17.66 11.88 -17.09
C VAL A 76 17.75 12.00 -18.62
N ASP A 77 16.62 11.80 -19.30
CA ASP A 77 16.53 11.83 -20.76
C ASP A 77 15.11 12.17 -21.23
N LYS A 78 14.96 13.37 -21.81
CA LYS A 78 13.67 13.83 -22.33
C LYS A 78 13.43 13.40 -23.78
N GLU A 79 14.50 13.46 -24.60
CA GLU A 79 14.46 13.07 -26.01
C GLU A 79 14.28 11.55 -26.21
N ALA A 80 13.89 11.16 -27.42
CA ALA A 80 13.64 9.75 -27.77
C ALA A 80 14.91 8.98 -28.18
N THR A 81 15.98 9.18 -27.41
CA THR A 81 17.29 8.55 -27.68
C THR A 81 17.47 7.24 -26.92
N GLY A 82 16.95 7.18 -25.69
CA GLY A 82 17.08 6.00 -24.82
C GLY A 82 18.49 5.76 -24.28
N LYS A 83 19.36 6.76 -24.44
CA LYS A 83 20.76 6.69 -23.98
C LYS A 83 20.91 7.31 -22.59
N ILE A 84 21.79 6.72 -21.78
CA ILE A 84 22.07 7.20 -20.42
C ILE A 84 23.59 7.37 -20.24
N SER A 85 24.00 8.61 -20.01
CA SER A 85 25.40 8.96 -19.77
C SER A 85 25.87 8.54 -18.36
N PHE A 86 27.17 8.65 -18.11
CA PHE A 86 27.72 8.41 -16.77
C PHE A 86 27.20 9.42 -15.75
N ASN A 87 27.10 10.69 -16.16
CA ASN A 87 26.57 11.76 -15.30
C ASN A 87 25.09 11.55 -14.94
N ASP A 88 24.32 11.05 -15.91
CA ASP A 88 22.94 10.57 -15.66
C ASP A 88 22.95 9.43 -14.64
N PHE A 89 23.90 8.51 -14.78
CA PHE A 89 24.00 7.30 -13.94
C PHE A 89 24.47 7.63 -12.52
N LEU A 90 25.37 8.60 -12.40
CA LEU A 90 25.83 9.09 -11.10
C LEU A 90 24.73 9.85 -10.35
N ALA A 91 23.85 10.53 -11.10
CA ALA A 91 22.72 11.27 -10.54
C ALA A 91 21.67 10.35 -9.91
N VAL A 92 21.28 9.29 -10.62
CA VAL A 92 20.28 8.34 -10.10
C VAL A 92 20.82 7.52 -8.92
N MET A 93 22.10 7.13 -8.99
CA MET A 93 22.75 6.35 -7.94
C MET A 93 22.97 7.11 -6.64
N THR A 94 23.20 8.43 -6.75
CA THR A 94 23.37 9.29 -5.58
C THR A 94 22.07 9.39 -4.76
N GLN A 95 20.94 9.63 -5.44
CA GLN A 95 19.65 9.69 -4.75
C GLN A 95 19.21 8.34 -4.14
N LYS A 96 19.57 7.24 -4.80
CA LYS A 96 19.29 5.88 -4.31
C LYS A 96 20.07 5.53 -3.05
N MET A 97 21.37 5.87 -3.03
CA MET A 97 22.21 5.67 -1.85
C MET A 97 21.85 6.63 -0.70
N ALA A 98 21.36 7.82 -1.06
CA ALA A 98 20.79 8.77 -0.10
C ALA A 98 19.47 8.30 0.51
N GLU A 99 18.60 7.72 -0.33
CA GLU A 99 17.30 7.16 0.11
C GLU A 99 17.47 5.99 1.06
N LYS A 100 18.53 5.20 0.83
CA LYS A 100 18.86 4.03 1.62
C LYS A 100 19.29 4.45 3.04
N ASP A 101 20.11 5.49 3.12
CA ASP A 101 20.55 6.06 4.40
C ASP A 101 19.41 6.77 5.14
N THR A 102 18.56 7.47 4.38
CA THR A 102 17.37 8.15 4.93
C THR A 102 16.38 7.13 5.52
N LYS A 103 16.16 6.02 4.80
CA LYS A 103 15.27 4.95 5.25
C LYS A 103 15.79 4.27 6.52
N GLU A 104 17.09 3.97 6.55
CA GLU A 104 17.73 3.34 7.71
C GLU A 104 17.69 4.21 8.98
N GLU A 105 17.83 5.52 8.80
CA GLU A 105 17.71 6.47 9.91
C GLU A 105 16.28 6.62 10.41
N ILE A 106 15.32 6.58 9.49
CA ILE A 106 13.88 6.61 9.82
C ILE A 106 13.49 5.35 10.63
N LEU A 107 13.95 4.18 10.18
CA LEU A 107 13.67 2.92 10.87
C LEU A 107 14.41 2.78 12.21
N LYS A 108 15.54 3.48 12.34
CA LYS A 108 16.26 3.58 13.62
C LYS A 108 15.43 4.41 14.61
N ALA A 109 14.86 5.51 14.11
CA ALA A 109 13.93 6.36 14.88
C ALA A 109 12.62 5.65 15.20
N PHE A 110 12.15 4.79 14.28
CA PHE A 110 10.92 4.00 14.45
C PHE A 110 11.01 3.03 15.63
N ARG A 111 12.18 2.41 15.80
CA ARG A 111 12.44 1.46 16.89
C ARG A 111 12.56 2.14 18.25
N LEU A 112 12.93 3.42 18.26
CA LEU A 112 12.97 4.25 19.46
C LEU A 112 11.57 4.46 20.05
N PHE A 113 10.61 4.78 19.18
CA PHE A 113 9.22 4.98 19.57
C PHE A 113 8.52 3.66 19.92
N ASP A 114 8.65 2.66 19.04
CA ASP A 114 8.07 1.32 19.26
C ASP A 114 9.01 0.46 20.14
N ASP A 115 9.10 0.84 21.42
CA ASP A 115 10.05 0.24 22.35
C ASP A 115 9.56 -1.08 22.93
N ASP A 116 8.25 -1.30 22.90
CA ASP A 116 7.66 -2.58 23.26
C ASP A 116 7.61 -3.56 22.08
N GLU A 117 7.98 -3.05 20.90
CA GLU A 117 8.20 -3.84 19.66
C GLU A 117 7.00 -4.68 19.20
N THR A 118 5.85 -4.02 19.10
CA THR A 118 4.61 -4.63 18.59
C THR A 118 4.48 -4.48 17.07
N GLY A 119 5.35 -3.65 16.49
CA GLY A 119 5.33 -3.32 15.06
C GLY A 119 4.63 -2.02 14.76
N LYS A 120 3.94 -1.47 15.76
CA LYS A 120 3.15 -0.25 15.62
C LYS A 120 3.43 0.73 16.76
N ILE A 121 3.46 2.04 16.45
CA ILE A 121 3.57 3.10 17.46
C ILE A 121 2.19 3.51 17.97
N SER A 122 1.96 3.27 19.26
CA SER A 122 0.71 3.68 19.92
C SER A 122 0.86 5.07 20.53
N PHE A 123 -0.27 5.65 20.93
CA PHE A 123 -0.29 6.93 21.67
C PHE A 123 0.56 6.85 22.95
N LYS A 124 0.42 5.74 23.67
CA LYS A 124 1.17 5.47 24.90
C LYS A 124 2.68 5.40 24.66
N ASN A 125 3.07 4.83 23.52
CA ASN A 125 4.47 4.77 23.08
C ASN A 125 5.05 6.14 22.78
N LEU A 126 4.29 6.96 22.05
CA LEU A 126 4.71 8.31 21.69
C LEU A 126 4.75 9.25 22.88
N LYS A 127 3.80 9.10 23.81
CA LYS A 127 3.74 9.91 25.03
C LYS A 127 4.90 9.62 25.99
N ARG A 128 5.22 8.32 26.14
CA ARG A 128 6.31 7.84 27.01
C ARG A 128 7.67 8.44 26.63
N VAL A 129 8.00 8.40 25.34
CA VAL A 129 9.28 8.92 24.82
C VAL A 129 9.31 10.47 24.80
N ALA A 130 8.14 11.09 24.62
CA ALA A 130 8.01 12.55 24.68
C ALA A 130 8.31 13.09 26.09
N ASN A 131 7.88 12.34 27.11
CA ASN A 131 8.20 12.65 28.50
C ASN A 131 9.66 12.35 28.85
N GLU A 132 10.21 11.32 28.19
CA GLU A 132 11.60 10.90 28.39
C GLU A 132 12.62 11.87 27.79
N LEU A 133 12.26 12.47 26.64
CA LEU A 133 13.09 13.50 26.01
C LEU A 133 12.75 14.93 26.47
N GLY A 134 11.73 15.05 27.33
CA GLY A 134 11.31 16.33 27.89
C GLY A 134 10.65 17.27 26.90
N GLU A 135 9.91 16.70 25.95
CA GLU A 135 9.19 17.47 24.93
C GLU A 135 7.91 18.06 25.52
N SER A 136 7.73 19.36 25.33
CA SER A 136 6.60 20.10 25.92
C SER A 136 5.29 19.92 25.13
N LEU A 137 4.91 18.66 24.93
CA LEU A 137 3.73 18.30 24.14
C LEU A 137 2.65 17.69 25.02
N THR A 138 1.43 18.21 24.88
CA THR A 138 0.27 17.71 25.62
C THR A 138 -0.32 16.47 24.93
N ASP A 139 -1.22 15.77 25.64
CA ASP A 139 -1.90 14.58 25.13
C ASP A 139 -2.66 14.79 23.81
N GLU A 140 -3.24 15.98 23.64
CA GLU A 140 -4.00 16.34 22.43
C GLU A 140 -3.10 16.55 21.21
N GLU A 141 -1.95 17.18 21.44
CA GLU A 141 -0.98 17.47 20.37
C GLU A 141 -0.26 16.20 19.90
N LEU A 142 -0.03 15.28 20.84
CA LEU A 142 0.55 13.97 20.55
C LEU A 142 -0.43 13.05 19.81
N GLN A 143 -1.71 13.13 20.15
CA GLN A 143 -2.77 12.31 19.51
C GLN A 143 -3.04 12.75 18.08
N GLU A 144 -2.97 14.06 17.83
CA GLU A 144 -3.06 14.62 16.49
C GLU A 144 -1.95 14.09 15.57
N MET A 145 -0.74 13.95 16.13
CA MET A 145 0.40 13.36 15.44
C MET A 145 0.15 11.92 15.01
N ILE A 146 -0.48 11.13 15.91
CA ILE A 146 -0.87 9.74 15.61
C ILE A 146 -1.90 9.67 14.47
N ASP A 147 -2.95 10.50 14.55
CA ASP A 147 -4.08 10.43 13.60
C ASP A 147 -3.73 10.86 12.18
N GLU A 148 -2.82 11.82 12.03
CA GLU A 148 -2.37 12.26 10.71
C GLU A 148 -1.47 11.20 10.04
N ALA A 149 -0.68 10.51 10.85
CA ALA A 149 0.17 9.41 10.38
C ALA A 149 -0.65 8.13 10.13
N ASP A 150 -1.65 7.90 10.99
CA ASP A 150 -2.57 6.75 10.90
C ASP A 150 -3.45 6.86 9.64
N ARG A 151 -2.97 6.25 8.57
CA ARG A 151 -3.61 6.29 7.26
C ARG A 151 -4.76 5.26 7.16
N ASP A 152 -4.63 4.13 7.86
CA ASP A 152 -5.63 3.06 7.78
C ASP A 152 -6.73 3.09 8.86
N GLY A 153 -6.42 3.70 10.00
CA GLY A 153 -7.44 4.01 11.02
C GLY A 153 -7.51 3.14 12.26
N ASP A 154 -6.48 2.32 12.51
CA ASP A 154 -6.46 1.42 13.68
C ASP A 154 -6.04 2.10 15.00
N GLY A 155 -5.62 3.37 14.93
CA GLY A 155 -5.23 4.16 16.10
C GLY A 155 -3.73 4.12 16.42
N GLU A 156 -2.98 3.37 15.62
CA GLU A 156 -1.52 3.20 15.81
C GLU A 156 -0.77 3.41 14.49
N VAL A 157 0.54 3.68 14.57
CA VAL A 157 1.35 4.01 13.38
C VAL A 157 2.35 2.87 13.04
N ASN A 158 2.13 2.22 11.89
CA ASN A 158 3.04 1.16 11.43
C ASN A 158 4.21 1.65 10.57
N GLU A 159 5.06 0.72 10.15
CA GLU A 159 6.32 1.01 9.45
C GLU A 159 6.14 1.82 8.17
N GLU A 160 5.15 1.41 7.36
CA GLU A 160 4.79 2.05 6.09
C GLU A 160 4.34 3.51 6.33
N GLU A 161 3.47 3.71 7.32
CA GLU A 161 2.90 5.01 7.67
C GLU A 161 3.91 5.97 8.27
N PHE A 162 4.84 5.44 9.07
CA PHE A 162 5.88 6.25 9.70
C PHE A 162 6.90 6.77 8.69
N LEU A 163 7.19 5.98 7.66
CA LEU A 163 8.04 6.40 6.54
C LEU A 163 7.44 7.54 5.71
N LYS A 164 6.11 7.58 5.63
CA LYS A 164 5.38 8.64 4.91
C LYS A 164 5.47 10.00 5.59
N ILE A 165 5.16 10.05 6.89
CA ILE A 165 5.23 11.32 7.66
C ILE A 165 6.64 11.84 7.86
N MET A 166 7.62 10.94 7.85
CA MET A 166 9.03 11.29 8.06
C MET A 166 9.66 12.02 6.87
N LYS A 167 9.29 11.61 5.65
CA LYS A 167 9.79 12.30 4.44
C LYS A 167 9.12 13.67 4.25
N LYS A 168 7.88 13.79 4.73
CA LYS A 168 7.18 15.08 4.84
C LYS A 168 7.90 16.00 5.82
N THR A 169 8.26 15.44 6.99
CA THR A 169 8.90 16.14 8.10
C THR A 169 10.35 16.56 7.77
N ASN A 170 11.03 15.79 6.92
CA ASN A 170 12.37 16.11 6.42
C ASN A 170 12.44 17.42 5.62
N LEU A 171 11.30 17.82 5.04
CA LEU A 171 11.18 19.08 4.31
C LEU A 171 11.34 20.29 5.22
N TYR A 172 10.80 20.20 6.44
CA TYR A 172 10.94 21.27 7.44
C TYR A 172 12.35 21.36 8.05
N HIS A 173 12.98 20.20 8.28
N HIS A 173 12.97 20.20 8.29
CA HIS A 173 14.31 20.11 8.90
CA HIS A 173 14.31 20.12 8.89
C HIS A 173 15.37 19.85 7.83
C HIS A 173 15.37 19.85 7.83
N HIS A 174 15.95 20.94 7.31
CA HIS A 174 16.93 20.93 6.17
C HIS A 174 16.31 20.42 4.87
N THR B 26 -28.35 -2.35 -9.95
CA THR B 26 -27.61 -3.47 -9.29
C THR B 26 -28.27 -3.88 -7.96
N GLU B 27 -29.24 -3.08 -7.51
CA GLU B 27 -29.85 -3.27 -6.19
C GLU B 27 -31.38 -3.45 -6.17
N ASP B 28 -32.11 -2.34 -6.40
CA ASP B 28 -33.57 -2.19 -6.10
C ASP B 28 -33.90 -2.24 -4.57
N GLN B 29 -32.85 -2.39 -3.76
CA GLN B 29 -32.89 -2.21 -2.31
C GLN B 29 -32.60 -0.73 -1.97
N LYS B 30 -32.81 0.12 -2.97
CA LYS B 30 -32.49 1.55 -2.95
C LYS B 30 -33.37 2.34 -2.00
N GLN B 31 -34.58 1.82 -1.74
CA GLN B 31 -35.54 2.42 -0.80
C GLN B 31 -34.99 2.43 0.64
N GLU B 32 -34.20 1.42 0.98
CA GLU B 32 -33.50 1.32 2.28
C GLU B 32 -32.38 2.36 2.39
N VAL B 33 -31.74 2.66 1.26
CA VAL B 33 -30.68 3.68 1.16
C VAL B 33 -31.32 5.07 1.24
N ARG B 34 -32.43 5.25 0.51
CA ARG B 34 -33.27 6.46 0.55
C ARG B 34 -33.81 6.78 1.95
N GLU B 35 -34.24 5.74 2.65
CA GLU B 35 -34.72 5.82 4.04
C GLU B 35 -33.61 6.26 4.99
N ALA B 36 -32.41 5.70 4.81
CA ALA B 36 -31.24 6.03 5.62
C ALA B 36 -30.68 7.43 5.31
N PHE B 37 -30.78 7.84 4.04
CA PHE B 37 -30.31 9.16 3.59
C PHE B 37 -31.15 10.31 4.15
N ASP B 38 -32.47 10.19 3.99
CA ASP B 38 -33.42 11.22 4.45
C ASP B 38 -33.44 11.41 5.97
N LEU B 39 -33.20 10.32 6.71
CA LEU B 39 -33.13 10.36 8.18
C LEU B 39 -31.96 11.20 8.70
N PHE B 40 -30.83 11.17 8.00
CA PHE B 40 -29.64 11.94 8.40
C PHE B 40 -29.51 13.32 7.73
N ASP B 41 -30.28 13.54 6.67
CA ASP B 41 -30.45 14.88 6.09
C ASP B 41 -31.52 15.62 6.90
N SER B 42 -31.06 16.24 8.00
CA SER B 42 -31.92 16.89 8.98
C SER B 42 -32.72 18.08 8.44
N ASP B 43 -32.05 18.93 7.66
CA ASP B 43 -32.65 20.16 7.12
C ASP B 43 -33.34 20.01 5.75
N GLY B 44 -33.26 18.81 5.16
CA GLY B 44 -33.93 18.49 3.90
C GLY B 44 -33.34 19.13 2.65
N SER B 45 -32.06 19.50 2.73
CA SER B 45 -31.32 20.15 1.63
C SER B 45 -31.03 19.25 0.43
N GLY B 46 -31.15 17.93 0.63
CA GLY B 46 -30.81 16.93 -0.39
C GLY B 46 -29.34 16.58 -0.40
N THR B 47 -28.61 17.07 0.60
CA THR B 47 -27.14 16.87 0.74
C THR B 47 -26.73 16.52 2.17
N ILE B 48 -25.63 15.77 2.29
CA ILE B 48 -24.99 15.46 3.58
C ILE B 48 -23.50 15.79 3.50
N ASP B 49 -22.87 16.09 4.65
CA ASP B 49 -21.41 16.27 4.67
C ASP B 49 -20.66 14.97 4.99
N VAL B 50 -19.33 15.05 5.03
CA VAL B 50 -18.44 13.89 5.19
C VAL B 50 -18.66 13.17 6.52
N LYS B 51 -18.81 13.94 7.60
CA LYS B 51 -19.04 13.38 8.94
C LYS B 51 -20.47 12.84 9.13
N GLU B 52 -21.42 13.37 8.36
CA GLU B 52 -22.79 12.83 8.28
C GLU B 52 -22.87 11.52 7.46
N LEU B 53 -21.90 11.33 6.56
CA LEU B 53 -21.83 10.15 5.68
C LEU B 53 -21.42 8.88 6.43
N LYS B 54 -20.29 8.96 7.14
CA LYS B 54 -19.73 7.80 7.86
C LYS B 54 -20.65 7.30 9.00
N VAL B 55 -21.56 8.16 9.44
CA VAL B 55 -22.62 7.82 10.40
C VAL B 55 -23.77 7.08 9.68
N ALA B 56 -24.13 7.56 8.50
CA ALA B 56 -25.19 6.97 7.67
C ALA B 56 -24.84 5.57 7.13
N MET B 57 -23.55 5.34 6.90
CA MET B 57 -23.02 4.04 6.50
C MET B 57 -23.12 3.02 7.63
N ARG B 58 -22.88 3.47 8.85
CA ARG B 58 -23.00 2.64 10.05
C ARG B 58 -24.46 2.24 10.30
N ALA B 59 -25.39 3.10 9.88
CA ALA B 59 -26.84 2.86 10.00
C ALA B 59 -27.36 1.72 9.10
N LEU B 60 -26.79 1.62 7.89
CA LEU B 60 -27.10 0.53 6.97
C LEU B 60 -26.30 -0.75 7.27
N GLY B 61 -25.40 -0.65 8.25
CA GLY B 61 -24.63 -1.79 8.74
C GLY B 61 -23.27 -1.95 8.10
N PHE B 62 -22.56 -0.84 7.93
CA PHE B 62 -21.24 -0.84 7.27
C PHE B 62 -20.21 0.01 7.97
N GLU B 63 -19.03 -0.58 8.15
CA GLU B 63 -17.88 0.06 8.79
C GLU B 63 -17.10 0.89 7.77
N PRO B 64 -16.96 2.21 8.02
CA PRO B 64 -16.08 3.06 7.19
C PRO B 64 -14.59 2.81 7.42
N ARG B 65 -13.82 2.73 6.33
CA ARG B 65 -12.36 2.52 6.39
C ARG B 65 -11.61 3.72 5.82
N LYS B 66 -10.63 4.22 6.58
CA LYS B 66 -9.97 5.52 6.36
C LYS B 66 -9.30 5.75 5.00
N GLU B 67 -8.61 4.74 4.47
CA GLU B 67 -7.85 4.84 3.20
C GLU B 67 -8.76 5.01 1.99
N GLU B 68 -9.88 4.27 1.99
CA GLU B 68 -10.81 4.24 0.86
C GLU B 68 -11.98 5.24 1.01
N MET B 69 -12.22 5.71 2.24
CA MET B 69 -13.11 6.86 2.48
C MET B 69 -12.54 8.13 1.85
N LYS B 70 -11.22 8.28 1.94
CA LYS B 70 -10.47 9.34 1.26
C LYS B 70 -10.59 9.22 -0.26
N LYS B 71 -10.55 7.97 -0.75
CA LYS B 71 -10.71 7.64 -2.18
C LYS B 71 -12.13 7.91 -2.69
N MET B 72 -13.14 7.57 -1.87
CA MET B 72 -14.56 7.71 -2.23
C MET B 72 -15.02 9.15 -2.44
N ILE B 73 -14.68 10.03 -1.50
CA ILE B 73 -15.06 11.46 -1.53
C ILE B 73 -14.53 12.15 -2.81
N SER B 74 -13.29 11.87 -3.18
CA SER B 74 -12.66 12.42 -4.39
C SER B 74 -13.34 11.94 -5.68
N GLU B 75 -13.88 10.73 -5.65
CA GLU B 75 -14.65 10.18 -6.77
C GLU B 75 -16.10 10.69 -6.77
N VAL B 76 -16.68 10.77 -5.57
CA VAL B 76 -18.08 11.18 -5.36
C VAL B 76 -18.33 12.67 -5.62
N ASP B 77 -17.37 13.53 -5.25
CA ASP B 77 -17.31 14.90 -5.78
C ASP B 77 -15.86 15.29 -6.12
N LYS B 78 -15.63 15.52 -7.42
CA LYS B 78 -14.33 15.93 -7.94
C LYS B 78 -14.04 17.40 -7.64
N GLU B 79 -15.12 18.19 -7.52
CA GLU B 79 -15.03 19.62 -7.21
C GLU B 79 -14.76 19.91 -5.71
N ALA B 80 -14.68 18.85 -4.90
CA ALA B 80 -14.33 18.88 -3.46
C ALA B 80 -15.14 19.89 -2.61
N THR B 81 -16.42 20.03 -2.94
CA THR B 81 -17.33 21.01 -2.30
C THR B 81 -17.77 20.64 -0.87
N GLY B 82 -17.62 19.37 -0.51
CA GLY B 82 -17.95 18.88 0.83
C GLY B 82 -19.33 18.24 0.97
N LYS B 83 -20.22 18.52 0.01
CA LYS B 83 -21.58 17.97 0.03
C LYS B 83 -21.76 16.72 -0.81
N ILE B 84 -22.54 15.79 -0.28
CA ILE B 84 -22.73 14.45 -0.85
C ILE B 84 -24.22 14.26 -1.21
N SER B 85 -24.46 13.91 -2.47
CA SER B 85 -25.80 13.63 -3.00
C SER B 85 -26.36 12.31 -2.51
N PHE B 86 -27.65 12.10 -2.77
CA PHE B 86 -28.25 10.77 -2.66
C PHE B 86 -27.62 9.83 -3.70
N ASN B 87 -27.49 10.32 -4.95
CA ASN B 87 -26.82 9.60 -6.03
C ASN B 87 -25.37 9.22 -5.69
N ASP B 88 -24.69 10.12 -4.98
CA ASP B 88 -23.37 9.87 -4.39
C ASP B 88 -23.44 8.77 -3.34
N PHE B 89 -24.41 8.88 -2.42
CA PHE B 89 -24.59 7.95 -1.31
C PHE B 89 -25.03 6.56 -1.79
N LEU B 90 -25.79 6.52 -2.88
CA LEU B 90 -26.20 5.27 -3.52
C LEU B 90 -25.01 4.58 -4.21
N ALA B 91 -24.12 5.38 -4.80
CA ALA B 91 -22.90 4.87 -5.44
C ALA B 91 -21.93 4.27 -4.42
N VAL B 92 -21.73 4.97 -3.30
CA VAL B 92 -20.88 4.52 -2.19
C VAL B 92 -21.40 3.22 -1.55
N MET B 93 -22.72 3.14 -1.36
CA MET B 93 -23.37 1.97 -0.76
C MET B 93 -23.41 0.75 -1.68
N THR B 94 -23.57 0.99 -2.98
CA THR B 94 -23.56 -0.09 -3.98
C THR B 94 -22.20 -0.80 -4.00
N GLN B 95 -21.12 -0.01 -3.94
CA GLN B 95 -19.75 -0.53 -3.94
C GLN B 95 -19.42 -1.31 -2.66
N LYS B 96 -19.84 -0.77 -1.51
CA LYS B 96 -19.60 -1.41 -0.22
C LYS B 96 -20.36 -2.74 -0.06
N MET B 97 -21.59 -2.79 -0.57
CA MET B 97 -22.39 -4.03 -0.61
C MET B 97 -21.82 -5.07 -1.59
N ALA B 98 -21.23 -4.58 -2.69
CA ALA B 98 -20.53 -5.45 -3.65
C ALA B 98 -19.23 -6.00 -3.05
N GLU B 99 -18.53 -5.17 -2.26
CA GLU B 99 -17.29 -5.54 -1.60
C GLU B 99 -17.50 -6.54 -0.46
N LYS B 100 -18.60 -6.36 0.29
CA LYS B 100 -19.00 -7.28 1.36
C LYS B 100 -19.35 -8.65 0.80
N ASP B 101 -20.03 -8.66 -0.34
CA ASP B 101 -20.44 -9.90 -1.02
C ASP B 101 -19.26 -10.66 -1.62
N THR B 102 -18.28 -9.91 -2.16
CA THR B 102 -17.04 -10.49 -2.70
C THR B 102 -16.18 -11.09 -1.58
N LYS B 103 -16.00 -10.33 -0.49
CA LYS B 103 -15.21 -10.79 0.66
C LYS B 103 -15.79 -12.07 1.29
N GLU B 104 -17.11 -12.15 1.37
CA GLU B 104 -17.81 -13.35 1.86
C GLU B 104 -17.62 -14.56 0.93
N GLU B 105 -17.59 -14.30 -0.38
CA GLU B 105 -17.36 -15.34 -1.40
C GLU B 105 -15.92 -15.86 -1.37
N ILE B 106 -14.96 -14.95 -1.13
CA ILE B 106 -13.53 -15.30 -1.02
C ILE B 106 -13.25 -16.17 0.22
N LEU B 107 -13.76 -15.74 1.37
CA LEU B 107 -13.55 -16.46 2.64
C LEU B 107 -14.30 -17.80 2.72
N LYS B 108 -15.36 -17.95 1.93
CA LYS B 108 -16.07 -19.23 1.77
C LYS B 108 -15.16 -20.23 1.04
N ALA B 109 -14.47 -19.75 0.01
CA ALA B 109 -13.51 -20.54 -0.76
C ALA B 109 -12.25 -20.87 0.05
N PHE B 110 -11.81 -19.92 0.89
CA PHE B 110 -10.67 -20.13 1.79
C PHE B 110 -10.91 -21.28 2.75
N ARG B 111 -12.16 -21.43 3.20
CA ARG B 111 -12.58 -22.55 4.05
C ARG B 111 -12.61 -23.90 3.31
N LEU B 112 -12.86 -23.86 2.00
CA LEU B 112 -12.86 -25.08 1.16
C LEU B 112 -11.45 -25.67 1.01
N PHE B 113 -10.47 -24.81 0.76
CA PHE B 113 -9.06 -25.23 0.65
C PHE B 113 -8.44 -25.58 2.00
N ASP B 114 -8.58 -24.66 2.98
CA ASP B 114 -8.13 -24.91 4.35
C ASP B 114 -9.15 -25.77 5.10
N ASP B 115 -9.30 -27.01 4.64
CA ASP B 115 -10.28 -27.94 5.21
C ASP B 115 -9.83 -28.58 6.53
N ASP B 116 -8.53 -28.52 6.80
CA ASP B 116 -7.94 -28.96 8.08
C ASP B 116 -7.90 -27.84 9.14
N GLU B 117 -8.39 -26.65 8.77
CA GLU B 117 -8.63 -25.50 9.67
C GLU B 117 -7.41 -25.04 10.49
N THR B 118 -6.28 -24.86 9.80
CA THR B 118 -5.03 -24.41 10.44
C THR B 118 -4.86 -22.88 10.34
N GLY B 119 -5.59 -22.27 9.41
CA GLY B 119 -5.50 -20.83 9.16
C GLY B 119 -4.62 -20.47 7.97
N LYS B 120 -3.91 -21.47 7.45
CA LYS B 120 -3.03 -21.32 6.29
C LYS B 120 -3.36 -22.39 5.26
N ILE B 121 -3.15 -22.08 3.97
CA ILE B 121 -3.29 -23.06 2.88
C ILE B 121 -1.90 -23.60 2.51
N SER B 122 -1.71 -24.91 2.68
CA SER B 122 -0.46 -25.60 2.35
C SER B 122 -0.53 -26.19 0.95
N PHE B 123 0.61 -26.71 0.47
CA PHE B 123 0.67 -27.47 -0.78
C PHE B 123 -0.29 -28.66 -0.77
N LYS B 124 -0.35 -29.36 0.36
CA LYS B 124 -1.24 -30.52 0.57
C LYS B 124 -2.72 -30.14 0.44
N ASN B 125 -3.07 -28.94 0.92
CA ASN B 125 -4.43 -28.42 0.86
C ASN B 125 -4.91 -28.13 -0.56
N LEU B 126 -4.05 -27.50 -1.37
CA LEU B 126 -4.38 -27.11 -2.74
C LEU B 126 -4.53 -28.31 -3.68
N LYS B 127 -3.67 -29.32 -3.49
CA LYS B 127 -3.69 -30.55 -4.29
C LYS B 127 -4.95 -31.39 -4.04
N ARG B 128 -5.37 -31.48 -2.78
CA ARG B 128 -6.57 -32.22 -2.35
C ARG B 128 -7.84 -31.82 -3.12
N VAL B 129 -8.06 -30.51 -3.28
CA VAL B 129 -9.21 -29.96 -4.00
C VAL B 129 -9.03 -30.10 -5.52
N ALA B 130 -7.77 -29.97 -5.97
CA ALA B 130 -7.41 -30.12 -7.39
C ALA B 130 -7.71 -31.51 -7.93
N ASN B 131 -7.49 -32.53 -7.10
CA ASN B 131 -7.82 -33.92 -7.44
C ASN B 131 -9.33 -34.18 -7.41
N GLU B 132 -10.04 -33.45 -6.55
CA GLU B 132 -11.50 -33.60 -6.37
C GLU B 132 -12.32 -33.05 -7.54
N LEU B 133 -11.88 -31.94 -8.12
CA LEU B 133 -12.53 -31.34 -9.29
C LEU B 133 -12.02 -31.95 -10.61
N GLY B 134 -10.93 -32.73 -10.51
CA GLY B 134 -10.28 -33.32 -11.68
C GLY B 134 -9.50 -32.28 -12.48
N GLU B 135 -8.90 -31.33 -11.77
CA GLU B 135 -8.15 -30.23 -12.38
C GLU B 135 -6.78 -30.74 -12.85
N SER B 136 -6.54 -30.58 -14.15
CA SER B 136 -5.29 -31.05 -14.78
C SER B 136 -4.12 -30.12 -14.43
N LEU B 137 -3.67 -30.20 -13.19
CA LEU B 137 -2.58 -29.39 -12.67
C LEU B 137 -1.49 -30.24 -12.04
N THR B 138 -0.25 -29.98 -12.45
CA THR B 138 0.92 -30.69 -11.92
C THR B 138 1.33 -30.08 -10.57
N ASP B 139 2.13 -30.83 -9.81
CA ASP B 139 2.61 -30.42 -8.48
C ASP B 139 3.44 -29.13 -8.49
N GLU B 140 4.23 -28.93 -9.55
CA GLU B 140 5.02 -27.71 -9.75
C GLU B 140 4.16 -26.49 -10.06
N GLU B 141 3.08 -26.69 -10.83
CA GLU B 141 2.09 -25.65 -11.15
C GLU B 141 1.31 -25.17 -9.93
N LEU B 142 1.00 -26.11 -9.02
CA LEU B 142 0.33 -25.81 -7.75
C LEU B 142 1.27 -25.10 -6.77
N GLN B 143 2.55 -25.50 -6.79
CA GLN B 143 3.57 -24.87 -5.96
C GLN B 143 3.87 -23.42 -6.42
N GLU B 144 3.77 -23.19 -7.73
CA GLU B 144 3.83 -21.84 -8.31
C GLU B 144 2.71 -20.94 -7.77
N MET B 145 1.50 -21.52 -7.68
CA MET B 145 0.33 -20.86 -7.13
C MET B 145 0.54 -20.50 -5.65
N ILE B 146 1.15 -21.42 -4.88
CA ILE B 146 1.51 -21.15 -3.48
C ILE B 146 2.57 -20.04 -3.37
N ASP B 147 3.66 -20.15 -4.15
CA ASP B 147 4.79 -19.23 -4.05
C ASP B 147 4.50 -17.77 -4.43
N GLU B 148 3.62 -17.56 -5.42
CA GLU B 148 3.16 -16.23 -5.83
C GLU B 148 2.27 -15.61 -4.76
N ALA B 149 1.37 -16.42 -4.19
CA ALA B 149 0.46 -16.00 -3.12
C ALA B 149 1.19 -15.80 -1.79
N ASP B 150 2.23 -16.62 -1.56
CA ASP B 150 3.06 -16.54 -0.36
C ASP B 150 3.92 -15.27 -0.41
N ARG B 151 3.43 -14.23 0.27
CA ARG B 151 4.01 -12.88 0.22
C ARG B 151 5.11 -12.66 1.26
N ASP B 152 4.92 -13.21 2.47
CA ASP B 152 5.89 -13.09 3.58
C ASP B 152 7.00 -14.15 3.54
N GLY B 153 6.71 -15.28 2.90
CA GLY B 153 7.69 -16.35 2.70
C GLY B 153 7.76 -17.33 3.86
N ASP B 154 6.82 -18.27 3.88
CA ASP B 154 6.85 -19.40 4.83
C ASP B 154 6.34 -20.73 4.25
N GLY B 155 5.98 -20.72 2.96
CA GLY B 155 5.54 -21.93 2.25
C GLY B 155 4.05 -22.26 2.37
N GLU B 156 3.31 -21.41 3.07
CA GLU B 156 1.86 -21.54 3.24
C GLU B 156 1.16 -20.20 2.99
N VAL B 157 -0.12 -20.25 2.64
CA VAL B 157 -0.90 -19.06 2.24
C VAL B 157 -1.96 -18.68 3.29
N ASN B 158 -1.78 -17.52 3.92
CA ASN B 158 -2.71 -17.04 4.97
C ASN B 158 -3.91 -16.25 4.42
N GLU B 159 -4.85 -15.92 5.31
CA GLU B 159 -6.10 -15.21 4.96
C GLU B 159 -5.90 -13.88 4.20
N GLU B 160 -4.98 -13.05 4.69
CA GLU B 160 -4.67 -11.75 4.08
C GLU B 160 -4.11 -11.92 2.66
N GLU B 161 -3.21 -12.89 2.49
CA GLU B 161 -2.57 -13.20 1.20
C GLU B 161 -3.55 -13.79 0.19
N PHE B 162 -4.52 -14.56 0.68
CA PHE B 162 -5.55 -15.18 -0.16
C PHE B 162 -6.52 -14.17 -0.75
N LEU B 163 -6.87 -13.14 0.04
CA LEU B 163 -7.72 -12.05 -0.41
C LEU B 163 -7.07 -11.19 -1.49
N LYS B 164 -5.74 -11.09 -1.45
CA LYS B 164 -4.98 -10.32 -2.44
C LYS B 164 -4.95 -11.01 -3.82
N ILE B 165 -4.62 -12.30 -3.85
CA ILE B 165 -4.61 -13.07 -5.12
C ILE B 165 -6.01 -13.31 -5.70
N MET B 166 -7.02 -13.38 -4.84
CA MET B 166 -8.41 -13.45 -5.30
C MET B 166 -8.88 -12.13 -5.92
N LYS B 167 -8.33 -11.01 -5.44
CA LYS B 167 -8.57 -9.69 -6.02
C LYS B 167 -7.87 -9.56 -7.38
N LYS B 168 -6.73 -10.21 -7.53
CA LYS B 168 -5.99 -10.29 -8.80
C LYS B 168 -6.68 -11.21 -9.80
N THR B 169 -6.91 -12.46 -9.39
CA THR B 169 -7.53 -13.49 -10.26
C THR B 169 -8.98 -13.19 -10.66
N ASN B 170 -9.65 -12.32 -9.90
CA ASN B 170 -11.03 -11.89 -10.18
C ASN B 170 -11.17 -11.08 -11.47
N LEU B 171 -10.08 -10.40 -11.87
CA LEU B 171 -10.01 -9.64 -13.12
C LEU B 171 -10.21 -10.52 -14.35
N TYR B 172 -9.65 -11.72 -14.31
CA TYR B 172 -9.73 -12.67 -15.42
C TYR B 172 -11.14 -13.24 -15.66
N HIS B 173 -11.90 -13.40 -14.58
N HIS B 173 -11.92 -13.39 -14.59
CA HIS B 173 -13.30 -13.85 -14.65
CA HIS B 173 -13.29 -13.89 -14.66
C HIS B 173 -14.23 -12.65 -14.57
C HIS B 173 -14.27 -12.71 -14.57
N HIS B 174 -14.57 -12.12 -15.74
CA HIS B 174 -15.42 -10.89 -15.89
C HIS B 174 -14.90 -9.67 -15.11
CA CA C . 26.78 1.50 -25.10
CA CA D . 20.57 12.90 -20.64
CA CA E . 4.02 -0.48 20.05
CA CA F . -2.15 2.56 11.29
CA CA G . -28.16 18.49 4.83
CA CA H . -21.19 14.53 -6.53
CA CA I . -4.13 -25.78 6.22
CA CA J . 2.30 -17.10 3.93
#